data_1M6A
# 
_entry.id   1M6A 
# 
_audit_conform.dict_name       mmcif_pdbx.dic 
_audit_conform.dict_version    5.392 
_audit_conform.dict_location   http://mmcif.pdb.org/dictionaries/ascii/mmcif_pdbx.dic 
# 
loop_
_database_2.database_id 
_database_2.database_code 
_database_2.pdbx_database_accession 
_database_2.pdbx_DOI 
PDB   1M6A         pdb_00001m6a 10.2210/pdb1m6a/pdb 
RCSB  RCSB016651   ?            ?                   
WWPDB D_1000016651 ?            ?                   
# 
loop_
_pdbx_audit_revision_history.ordinal 
_pdbx_audit_revision_history.data_content_type 
_pdbx_audit_revision_history.major_revision 
_pdbx_audit_revision_history.minor_revision 
_pdbx_audit_revision_history.revision_date 
1 'Structure model' 1 0 2002-08-07 
2 'Structure model' 1 1 2008-04-28 
3 'Structure model' 1 2 2011-07-13 
4 'Structure model' 1 3 2022-02-23 
5 'Structure model' 1 4 2024-05-22 
# 
_pdbx_audit_revision_details.ordinal             1 
_pdbx_audit_revision_details.revision_ordinal    1 
_pdbx_audit_revision_details.data_content_type   'Structure model' 
_pdbx_audit_revision_details.provider            repository 
_pdbx_audit_revision_details.type                'Initial release' 
_pdbx_audit_revision_details.description         ? 
_pdbx_audit_revision_details.details             ? 
# 
loop_
_pdbx_audit_revision_group.ordinal 
_pdbx_audit_revision_group.revision_ordinal 
_pdbx_audit_revision_group.data_content_type 
_pdbx_audit_revision_group.group 
1 2 'Structure model' 'Version format compliance' 
2 3 'Structure model' 'Version format compliance' 
3 4 'Structure model' 'Data collection'           
4 4 'Structure model' 'Database references'       
5 4 'Structure model' 'Derived calculations'      
6 5 'Structure model' 'Data collection'           
# 
loop_
_pdbx_audit_revision_category.ordinal 
_pdbx_audit_revision_category.revision_ordinal 
_pdbx_audit_revision_category.data_content_type 
_pdbx_audit_revision_category.category 
1 4 'Structure model' database_2            
2 4 'Structure model' pdbx_nmr_software     
3 4 'Structure model' pdbx_struct_assembly  
4 4 'Structure model' pdbx_struct_oper_list 
5 5 'Structure model' chem_comp_atom        
6 5 'Structure model' chem_comp_bond        
# 
loop_
_pdbx_audit_revision_item.ordinal 
_pdbx_audit_revision_item.revision_ordinal 
_pdbx_audit_revision_item.data_content_type 
_pdbx_audit_revision_item.item 
1 4 'Structure model' '_database_2.pdbx_DOI'                
2 4 'Structure model' '_database_2.pdbx_database_accession' 
3 4 'Structure model' '_pdbx_nmr_software.name'             
# 
_pdbx_database_status.status_code                     REL 
_pdbx_database_status.entry_id                        1M6A 
_pdbx_database_status.recvd_initial_deposition_date   2002-07-15 
_pdbx_database_status.deposit_site                    RCSB 
_pdbx_database_status.process_site                    RCSB 
_pdbx_database_status.status_code_sf                  ? 
_pdbx_database_status.status_code_mr                  REL 
_pdbx_database_status.SG_entry                        ? 
_pdbx_database_status.pdb_format_compatible           Y 
_pdbx_database_status.status_code_cs                  ? 
_pdbx_database_status.status_code_nmr_data            ? 
_pdbx_database_status.methods_development_category    ? 
# 
loop_
_audit_author.name 
_audit_author.pdbx_ordinal 
'Malliavin, T.E.' 1 
'Snoussi, K.'     2 
'Leroy, J.-L.'    3 
# 
_citation.id                        primary 
_citation.title                     'The NMR structure of [Xd(C2)]4 investigated by molecular dynamics simulations' 
_citation.journal_abbrev            MAGN.RESON.CHEM. 
_citation.journal_volume            41 
_citation.page_first                18 
_citation.page_last                 25 
_citation.year                      2003 
_citation.journal_id_ASTM           MRCHEG 
_citation.country                   UK 
_citation.journal_id_ISSN           0749-1581 
_citation.journal_id_CSD            0731 
_citation.book_publisher            ? 
_citation.pdbx_database_id_PubMed   -1 
_citation.pdbx_database_id_DOI      ? 
# 
loop_
_citation_author.citation_id 
_citation_author.name 
_citation_author.ordinal 
_citation_author.identifier_ORCID 
primary 'Malliavin, T.E.' 1 ? 
primary 'Snoussi, K.'     2 ? 
primary 'Leroy, J.-L.'    3 ? 
# 
_entity.id                         1 
_entity.type                       polymer 
_entity.src_method                 syn 
_entity.pdbx_description           "5'-D(*CP*C)-3'" 
_entity.formula_weight             533.406 
_entity.pdbx_number_of_molecules   4 
_entity.pdbx_ec                    ? 
_entity.pdbx_mutation              ? 
_entity.pdbx_fragment              ? 
_entity.details                    ? 
# 
_entity_poly.entity_id                      1 
_entity_poly.type                           polydeoxyribonucleotide 
_entity_poly.nstd_linkage                   no 
_entity_poly.nstd_monomer                   no 
_entity_poly.pdbx_seq_one_letter_code       '(DC)(DC)' 
_entity_poly.pdbx_seq_one_letter_code_can   CC 
_entity_poly.pdbx_strand_id                 A,B,C,D 
_entity_poly.pdbx_target_identifier         ? 
# 
loop_
_entity_poly_seq.entity_id 
_entity_poly_seq.num 
_entity_poly_seq.mon_id 
_entity_poly_seq.hetero 
1 1 DC n 
1 2 DC n 
# 
_chem_comp.id               DC 
_chem_comp.type             'DNA linking' 
_chem_comp.mon_nstd_flag    y 
_chem_comp.name             "2'-DEOXYCYTIDINE-5'-MONOPHOSPHATE" 
_chem_comp.pdbx_synonyms    ? 
_chem_comp.formula          'C9 H14 N3 O7 P' 
_chem_comp.formula_weight   307.197 
# 
loop_
_pdbx_poly_seq_scheme.asym_id 
_pdbx_poly_seq_scheme.entity_id 
_pdbx_poly_seq_scheme.seq_id 
_pdbx_poly_seq_scheme.mon_id 
_pdbx_poly_seq_scheme.ndb_seq_num 
_pdbx_poly_seq_scheme.pdb_seq_num 
_pdbx_poly_seq_scheme.auth_seq_num 
_pdbx_poly_seq_scheme.pdb_mon_id 
_pdbx_poly_seq_scheme.auth_mon_id 
_pdbx_poly_seq_scheme.pdb_strand_id 
_pdbx_poly_seq_scheme.pdb_ins_code 
_pdbx_poly_seq_scheme.hetero 
A 1 1 DC 1 1 1 DC CYT A . n 
A 1 2 DC 2 2 2 DC CYT A . n 
B 1 1 DC 1 1 1 DC CYT B . n 
B 1 2 DC 2 2 2 DC CYT B . n 
C 1 1 DC 1 1 1 DC CYT C . n 
C 1 2 DC 2 2 2 DC CYT C . n 
D 1 1 DC 1 1 1 DC CYT D . n 
D 1 2 DC 2 2 2 DC CYT D . n 
# 
_exptl.entry_id          1M6A 
_exptl.method            'SOLUTION NMR' 
_exptl.crystals_number   ? 
# 
_exptl_crystal.id                    1 
_exptl_crystal.density_meas          ? 
_exptl_crystal.density_Matthews      ? 
_exptl_crystal.density_percent_sol   ? 
_exptl_crystal.description           ? 
# 
_diffrn.id                     1 
_diffrn.crystal_id             1 
_diffrn.ambient_temp           ? 
_diffrn.ambient_temp_details   ? 
# 
_diffrn_radiation.diffrn_id                        1 
_diffrn_radiation.wavelength_id                    1 
_diffrn_radiation.pdbx_monochromatic_or_laue_m_l   M 
_diffrn_radiation.monochromator                    ? 
_diffrn_radiation.pdbx_diffrn_protocol             'SINGLE WAVELENGTH' 
_diffrn_radiation.pdbx_scattering_type             ? 
# 
_diffrn_radiation_wavelength.id           1 
_diffrn_radiation_wavelength.wavelength   . 
_diffrn_radiation_wavelength.wt           1.0 
# 
_struct.entry_id                  1M6A 
_struct.title                     'NMR structure of the i-Motif Tetramer Formed by XC2' 
_struct.pdbx_model_details        ? 
_struct.pdbx_CASP_flag            ? 
_struct.pdbx_model_type_details   ? 
# 
_struct_keywords.entry_id        1M6A 
_struct_keywords.pdbx_keywords   DNA 
_struct_keywords.text            'elementary i-motif, MD, DNA' 
# 
loop_
_struct_asym.id 
_struct_asym.pdbx_blank_PDB_chainid_flag 
_struct_asym.pdbx_modified 
_struct_asym.entity_id 
_struct_asym.details 
A N N 1 ? 
B N N 1 ? 
C N N 1 ? 
D N N 1 ? 
# 
_struct_ref.id                         1 
_struct_ref.entity_id                  1 
_struct_ref.db_name                    PDB 
_struct_ref.db_code                    1M6A 
_struct_ref.pdbx_db_accession          1M6A 
_struct_ref.pdbx_db_isoform            ? 
_struct_ref.pdbx_seq_one_letter_code   ? 
_struct_ref.pdbx_align_begin           ? 
# 
loop_
_struct_ref_seq.align_id 
_struct_ref_seq.ref_id 
_struct_ref_seq.pdbx_PDB_id_code 
_struct_ref_seq.pdbx_strand_id 
_struct_ref_seq.seq_align_beg 
_struct_ref_seq.pdbx_seq_align_beg_ins_code 
_struct_ref_seq.seq_align_end 
_struct_ref_seq.pdbx_seq_align_end_ins_code 
_struct_ref_seq.pdbx_db_accession 
_struct_ref_seq.db_align_beg 
_struct_ref_seq.pdbx_db_align_beg_ins_code 
_struct_ref_seq.db_align_end 
_struct_ref_seq.pdbx_db_align_end_ins_code 
_struct_ref_seq.pdbx_auth_seq_align_beg 
_struct_ref_seq.pdbx_auth_seq_align_end 
1 1 1M6A A 1 ? 2 ? 1M6A 1 ? 2 ? 1 2 
2 1 1M6A B 1 ? 2 ? 1M6A 1 ? 2 ? 1 2 
3 1 1M6A C 1 ? 2 ? 1M6A 1 ? 2 ? 1 2 
4 1 1M6A D 1 ? 2 ? 1M6A 1 ? 2 ? 1 2 
# 
_pdbx_struct_assembly.id                   1 
_pdbx_struct_assembly.details              author_defined_assembly 
_pdbx_struct_assembly.method_details       ? 
_pdbx_struct_assembly.oligomeric_details   tetrameric 
_pdbx_struct_assembly.oligomeric_count     4 
# 
_pdbx_struct_assembly_gen.assembly_id       1 
_pdbx_struct_assembly_gen.oper_expression   1 
_pdbx_struct_assembly_gen.asym_id_list      A,B,C,D 
# 
_pdbx_struct_oper_list.id                   1 
_pdbx_struct_oper_list.type                 'identity operation' 
_pdbx_struct_oper_list.name                 1_555 
_pdbx_struct_oper_list.symmetry_operation   x,y,z 
_pdbx_struct_oper_list.matrix[1][1]         1.0000000000 
_pdbx_struct_oper_list.matrix[1][2]         0.0000000000 
_pdbx_struct_oper_list.matrix[1][3]         0.0000000000 
_pdbx_struct_oper_list.vector[1]            0.0000000000 
_pdbx_struct_oper_list.matrix[2][1]         0.0000000000 
_pdbx_struct_oper_list.matrix[2][2]         1.0000000000 
_pdbx_struct_oper_list.matrix[2][3]         0.0000000000 
_pdbx_struct_oper_list.vector[2]            0.0000000000 
_pdbx_struct_oper_list.matrix[3][1]         0.0000000000 
_pdbx_struct_oper_list.matrix[3][2]         0.0000000000 
_pdbx_struct_oper_list.matrix[3][3]         1.0000000000 
_pdbx_struct_oper_list.vector[3]            0.0000000000 
# 
_struct_biol.id   1 
# 
loop_
_struct_conn.id 
_struct_conn.conn_type_id 
_struct_conn.pdbx_leaving_atom_flag 
_struct_conn.pdbx_PDB_id 
_struct_conn.ptnr1_label_asym_id 
_struct_conn.ptnr1_label_comp_id 
_struct_conn.ptnr1_label_seq_id 
_struct_conn.ptnr1_label_atom_id 
_struct_conn.pdbx_ptnr1_label_alt_id 
_struct_conn.pdbx_ptnr1_PDB_ins_code 
_struct_conn.pdbx_ptnr1_standard_comp_id 
_struct_conn.ptnr1_symmetry 
_struct_conn.ptnr2_label_asym_id 
_struct_conn.ptnr2_label_comp_id 
_struct_conn.ptnr2_label_seq_id 
_struct_conn.ptnr2_label_atom_id 
_struct_conn.pdbx_ptnr2_label_alt_id 
_struct_conn.pdbx_ptnr2_PDB_ins_code 
_struct_conn.ptnr1_auth_asym_id 
_struct_conn.ptnr1_auth_comp_id 
_struct_conn.ptnr1_auth_seq_id 
_struct_conn.ptnr2_auth_asym_id 
_struct_conn.ptnr2_auth_comp_id 
_struct_conn.ptnr2_auth_seq_id 
_struct_conn.ptnr2_symmetry 
_struct_conn.pdbx_ptnr3_label_atom_id 
_struct_conn.pdbx_ptnr3_label_seq_id 
_struct_conn.pdbx_ptnr3_label_comp_id 
_struct_conn.pdbx_ptnr3_label_asym_id 
_struct_conn.pdbx_ptnr3_label_alt_id 
_struct_conn.pdbx_ptnr3_PDB_ins_code 
_struct_conn.details 
_struct_conn.pdbx_dist_value 
_struct_conn.pdbx_value_order 
_struct_conn.pdbx_role 
hydrog1 hydrog ? ? A DC 1 N4 ? ? ? 1_555 C DC 1 O2 ? ? A DC 1 C DC 1 1_555 ? ? ? ? ? ? TYPE_15_PAIR ? ? ? 
hydrog2 hydrog ? ? A DC 1 O2 ? ? ? 1_555 C DC 1 N4 ? ? A DC 1 C DC 1 1_555 ? ? ? ? ? ? TYPE_15_PAIR ? ? ? 
hydrog3 hydrog ? ? A DC 2 N4 ? ? ? 1_555 C DC 2 O2 ? ? A DC 2 C DC 2 1_555 ? ? ? ? ? ? TYPE_15_PAIR ? ? ? 
hydrog4 hydrog ? ? A DC 2 O2 ? ? ? 1_555 C DC 2 N4 ? ? A DC 2 C DC 2 1_555 ? ? ? ? ? ? TYPE_15_PAIR ? ? ? 
hydrog5 hydrog ? ? B DC 1 N4 ? ? ? 1_555 D DC 1 O2 ? ? B DC 1 D DC 1 1_555 ? ? ? ? ? ? TYPE_15_PAIR ? ? ? 
hydrog6 hydrog ? ? B DC 1 O2 ? ? ? 1_555 D DC 1 N4 ? ? B DC 1 D DC 1 1_555 ? ? ? ? ? ? TYPE_15_PAIR ? ? ? 
hydrog7 hydrog ? ? B DC 2 N4 ? ? ? 1_555 D DC 2 O2 ? ? B DC 2 D DC 2 1_555 ? ? ? ? ? ? TYPE_15_PAIR ? ? ? 
hydrog8 hydrog ? ? B DC 2 O2 ? ? ? 1_555 D DC 2 N4 ? ? B DC 2 D DC 2 1_555 ? ? ? ? ? ? TYPE_15_PAIR ? ? ? 
# 
_struct_conn_type.id          hydrog 
_struct_conn_type.criteria    ? 
_struct_conn_type.reference   ? 
# 
loop_
_pdbx_validate_rmsd_angle.id 
_pdbx_validate_rmsd_angle.PDB_model_num 
_pdbx_validate_rmsd_angle.auth_atom_id_1 
_pdbx_validate_rmsd_angle.auth_asym_id_1 
_pdbx_validate_rmsd_angle.auth_comp_id_1 
_pdbx_validate_rmsd_angle.auth_seq_id_1 
_pdbx_validate_rmsd_angle.PDB_ins_code_1 
_pdbx_validate_rmsd_angle.label_alt_id_1 
_pdbx_validate_rmsd_angle.auth_atom_id_2 
_pdbx_validate_rmsd_angle.auth_asym_id_2 
_pdbx_validate_rmsd_angle.auth_comp_id_2 
_pdbx_validate_rmsd_angle.auth_seq_id_2 
_pdbx_validate_rmsd_angle.PDB_ins_code_2 
_pdbx_validate_rmsd_angle.label_alt_id_2 
_pdbx_validate_rmsd_angle.auth_atom_id_3 
_pdbx_validate_rmsd_angle.auth_asym_id_3 
_pdbx_validate_rmsd_angle.auth_comp_id_3 
_pdbx_validate_rmsd_angle.auth_seq_id_3 
_pdbx_validate_rmsd_angle.PDB_ins_code_3 
_pdbx_validate_rmsd_angle.label_alt_id_3 
_pdbx_validate_rmsd_angle.angle_value 
_pdbx_validate_rmsd_angle.angle_target_value 
_pdbx_validate_rmsd_angle.angle_deviation 
_pdbx_validate_rmsd_angle.angle_standard_deviation 
_pdbx_validate_rmsd_angle.linker_flag 
1 1 "O4'" A DC 1 ? ? "C1'" A DC 1 ? ? N1 A DC 1 ? ? 110.53 108.30 2.23 0.30 N 
2 1 "O4'" A DC 2 ? ? "C1'" A DC 2 ? ? N1 A DC 2 ? ? 110.23 108.30 1.93 0.30 N 
3 1 "O4'" B DC 1 ? ? "C1'" B DC 1 ? ? N1 B DC 1 ? ? 110.46 108.30 2.16 0.30 N 
4 1 "O4'" B DC 2 ? ? "C1'" B DC 2 ? ? N1 B DC 2 ? ? 110.25 108.30 1.95 0.30 N 
5 1 "O4'" C DC 1 ? ? "C1'" C DC 1 ? ? N1 C DC 1 ? ? 110.47 108.30 2.17 0.30 N 
6 1 "O4'" C DC 2 ? ? "C1'" C DC 2 ? ? N1 C DC 2 ? ? 110.17 108.30 1.87 0.30 N 
7 1 "O4'" D DC 1 ? ? "C1'" D DC 1 ? ? N1 D DC 1 ? ? 110.54 108.30 2.24 0.30 N 
8 1 "O4'" D DC 2 ? ? "C1'" D DC 2 ? ? N1 D DC 2 ? ? 110.22 108.30 1.92 0.30 N 
# 
_pdbx_nmr_ensemble.entry_id                                      1M6A 
_pdbx_nmr_ensemble.conformers_calculated_total_number            45 
_pdbx_nmr_ensemble.conformers_submitted_total_number             1 
_pdbx_nmr_ensemble.conformer_selection_criteria                  
'The submitted conformer model is the best structure with the lowest energy.' 
_pdbx_nmr_ensemble.average_constraints_per_residue               ? 
_pdbx_nmr_ensemble.average_constraint_violations_per_residue     ? 
_pdbx_nmr_ensemble.maximum_distance_constraint_violation         ? 
_pdbx_nmr_ensemble.average_distance_constraint_violation         ? 
_pdbx_nmr_ensemble.maximum_upper_distance_constraint_violation   ? 
_pdbx_nmr_ensemble.maximum_lower_distance_constraint_violation   ? 
_pdbx_nmr_ensemble.distance_constraint_violation_method          ? 
_pdbx_nmr_ensemble.maximum_torsion_angle_constraint_violation    ? 
_pdbx_nmr_ensemble.average_torsion_angle_constraint_violation    ? 
_pdbx_nmr_ensemble.torsion_angle_constraint_violation_method     ? 
# 
_pdbx_nmr_representative.entry_id             1M6A 
_pdbx_nmr_representative.conformer_id         1 
_pdbx_nmr_representative.selection_criteria   
'the structure with the lowest energy was selected. the structure with the fewest number of violations was selected.' 
# 
_pdbx_nmr_sample_details.solution_id      1 
_pdbx_nmr_sample_details.contents         '12 MM [XD(C2)]4 90% H2O, 10% D2O' 
_pdbx_nmr_sample_details.solvent_system   '90% H2O/10% D2O' 
# 
_pdbx_nmr_exptl_sample_conditions.conditions_id       1 
_pdbx_nmr_exptl_sample_conditions.temperature         273 
_pdbx_nmr_exptl_sample_conditions.pressure            ambient 
_pdbx_nmr_exptl_sample_conditions.pH                  4.3 
_pdbx_nmr_exptl_sample_conditions.ionic_strength      'sodium counter-ion' 
_pdbx_nmr_exptl_sample_conditions.pressure_units      ? 
_pdbx_nmr_exptl_sample_conditions.temperature_units   K 
# 
_pdbx_nmr_exptl.experiment_id   1 
_pdbx_nmr_exptl.solution_id     1 
_pdbx_nmr_exptl.conditions_id   1 
_pdbx_nmr_exptl.type            '2D NOESY' 
# 
_pdbx_nmr_refine.entry_id           1M6A 
_pdbx_nmr_refine.method             'SIMULATED ANNEALING, MOLECULAR DYNAMICS' 
_pdbx_nmr_refine.details            ? 
_pdbx_nmr_refine.software_ordinal   1 
# 
loop_
_pdbx_nmr_software.name 
_pdbx_nmr_software.version 
_pdbx_nmr_software.classification 
_pdbx_nmr_software.authors 
_pdbx_nmr_software.ordinal 
Felix  95.0  'data analysis' MSI             1 
X-PLOR 3.851 refinement      'BRUNGER, A.T.' 2 
# 
loop_
_chem_comp_atom.comp_id 
_chem_comp_atom.atom_id 
_chem_comp_atom.type_symbol 
_chem_comp_atom.pdbx_aromatic_flag 
_chem_comp_atom.pdbx_stereo_config 
_chem_comp_atom.pdbx_ordinal 
DC OP3    O N N 1  
DC P      P N N 2  
DC OP1    O N N 3  
DC OP2    O N N 4  
DC "O5'"  O N N 5  
DC "C5'"  C N N 6  
DC "C4'"  C N R 7  
DC "O4'"  O N N 8  
DC "C3'"  C N S 9  
DC "O3'"  O N N 10 
DC "C2'"  C N N 11 
DC "C1'"  C N R 12 
DC N1     N N N 13 
DC C2     C N N 14 
DC O2     O N N 15 
DC N3     N N N 16 
DC C4     C N N 17 
DC N4     N N N 18 
DC C5     C N N 19 
DC C6     C N N 20 
DC HOP3   H N N 21 
DC HOP2   H N N 22 
DC "H5'"  H N N 23 
DC "H5''" H N N 24 
DC "H4'"  H N N 25 
DC "H3'"  H N N 26 
DC "HO3'" H N N 27 
DC "H2'"  H N N 28 
DC "H2''" H N N 29 
DC "H1'"  H N N 30 
DC H41    H N N 31 
DC H42    H N N 32 
DC H5     H N N 33 
DC H6     H N N 34 
# 
loop_
_chem_comp_bond.comp_id 
_chem_comp_bond.atom_id_1 
_chem_comp_bond.atom_id_2 
_chem_comp_bond.value_order 
_chem_comp_bond.pdbx_aromatic_flag 
_chem_comp_bond.pdbx_stereo_config 
_chem_comp_bond.pdbx_ordinal 
DC OP3   P      sing N N 1  
DC OP3   HOP3   sing N N 2  
DC P     OP1    doub N N 3  
DC P     OP2    sing N N 4  
DC P     "O5'"  sing N N 5  
DC OP2   HOP2   sing N N 6  
DC "O5'" "C5'"  sing N N 7  
DC "C5'" "C4'"  sing N N 8  
DC "C5'" "H5'"  sing N N 9  
DC "C5'" "H5''" sing N N 10 
DC "C4'" "O4'"  sing N N 11 
DC "C4'" "C3'"  sing N N 12 
DC "C4'" "H4'"  sing N N 13 
DC "O4'" "C1'"  sing N N 14 
DC "C3'" "O3'"  sing N N 15 
DC "C3'" "C2'"  sing N N 16 
DC "C3'" "H3'"  sing N N 17 
DC "O3'" "HO3'" sing N N 18 
DC "C2'" "C1'"  sing N N 19 
DC "C2'" "H2'"  sing N N 20 
DC "C2'" "H2''" sing N N 21 
DC "C1'" N1     sing N N 22 
DC "C1'" "H1'"  sing N N 23 
DC N1    C2     sing N N 24 
DC N1    C6     sing N N 25 
DC C2    O2     doub N N 26 
DC C2    N3     sing N N 27 
DC N3    C4     doub N N 28 
DC C4    N4     sing N N 29 
DC C4    C5     sing N N 30 
DC N4    H41    sing N N 31 
DC N4    H42    sing N N 32 
DC C5    C6     doub N N 33 
DC C5    H5     sing N N 34 
DC C6    H6     sing N N 35 
# 
loop_
_ndb_struct_conf_na.entry_id 
_ndb_struct_conf_na.feature 
1M6A 'double helix'     
1M6A 'parallel strands' 
# 
loop_
_ndb_struct_na_base_pair.model_number 
_ndb_struct_na_base_pair.i_label_asym_id 
_ndb_struct_na_base_pair.i_label_comp_id 
_ndb_struct_na_base_pair.i_label_seq_id 
_ndb_struct_na_base_pair.i_symmetry 
_ndb_struct_na_base_pair.j_label_asym_id 
_ndb_struct_na_base_pair.j_label_comp_id 
_ndb_struct_na_base_pair.j_label_seq_id 
_ndb_struct_na_base_pair.j_symmetry 
_ndb_struct_na_base_pair.shear 
_ndb_struct_na_base_pair.stretch 
_ndb_struct_na_base_pair.stagger 
_ndb_struct_na_base_pair.buckle 
_ndb_struct_na_base_pair.propeller 
_ndb_struct_na_base_pair.opening 
_ndb_struct_na_base_pair.pair_number 
_ndb_struct_na_base_pair.pair_name 
_ndb_struct_na_base_pair.i_auth_asym_id 
_ndb_struct_na_base_pair.i_auth_seq_id 
_ndb_struct_na_base_pair.i_PDB_ins_code 
_ndb_struct_na_base_pair.j_auth_asym_id 
_ndb_struct_na_base_pair.j_auth_seq_id 
_ndb_struct_na_base_pair.j_PDB_ins_code 
_ndb_struct_na_base_pair.hbond_type_28 
_ndb_struct_na_base_pair.hbond_type_12 
1 A DC 2 1_555 C DC 2 1_555 -2.293 -1.824 -0.001 -20.906 -0.026  -179.967 1 A_DC2:DC2_C A 2 ? C 2 ? 15 2 
1 D DC 1 1_555 B DC 1 1_555 -1.981 -1.477 0.004  5.097   11.246  -179.999 2 D_DC1:DC1_B D 1 ? B 1 ? 15 2 
1 A DC 1 1_555 C DC 1 1_555 1.981  1.477  0.004  -5.110  -11.147 179.976  3 A_DC1:DC1_C A 1 ? C 1 ? 15 2 
1 D DC 2 1_555 B DC 2 1_555 2.294  1.823  0.003  20.919  0.019   179.987  4 D_DC2:DC2_B D 2 ? B 2 ? 15 2 
# 
loop_
_ndb_struct_na_base_pair_step.model_number 
_ndb_struct_na_base_pair_step.i_label_asym_id_1 
_ndb_struct_na_base_pair_step.i_label_comp_id_1 
_ndb_struct_na_base_pair_step.i_label_seq_id_1 
_ndb_struct_na_base_pair_step.i_symmetry_1 
_ndb_struct_na_base_pair_step.j_label_asym_id_1 
_ndb_struct_na_base_pair_step.j_label_comp_id_1 
_ndb_struct_na_base_pair_step.j_label_seq_id_1 
_ndb_struct_na_base_pair_step.j_symmetry_1 
_ndb_struct_na_base_pair_step.i_label_asym_id_2 
_ndb_struct_na_base_pair_step.i_label_comp_id_2 
_ndb_struct_na_base_pair_step.i_label_seq_id_2 
_ndb_struct_na_base_pair_step.i_symmetry_2 
_ndb_struct_na_base_pair_step.j_label_asym_id_2 
_ndb_struct_na_base_pair_step.j_label_comp_id_2 
_ndb_struct_na_base_pair_step.j_label_seq_id_2 
_ndb_struct_na_base_pair_step.j_symmetry_2 
_ndb_struct_na_base_pair_step.shift 
_ndb_struct_na_base_pair_step.slide 
_ndb_struct_na_base_pair_step.rise 
_ndb_struct_na_base_pair_step.tilt 
_ndb_struct_na_base_pair_step.roll 
_ndb_struct_na_base_pair_step.twist 
_ndb_struct_na_base_pair_step.x_displacement 
_ndb_struct_na_base_pair_step.y_displacement 
_ndb_struct_na_base_pair_step.helical_rise 
_ndb_struct_na_base_pair_step.inclination 
_ndb_struct_na_base_pair_step.tip 
_ndb_struct_na_base_pair_step.helical_twist 
_ndb_struct_na_base_pair_step.step_number 
_ndb_struct_na_base_pair_step.step_name 
_ndb_struct_na_base_pair_step.i_auth_asym_id_1 
_ndb_struct_na_base_pair_step.i_auth_seq_id_1 
_ndb_struct_na_base_pair_step.i_PDB_ins_code_1 
_ndb_struct_na_base_pair_step.j_auth_asym_id_1 
_ndb_struct_na_base_pair_step.j_auth_seq_id_1 
_ndb_struct_na_base_pair_step.j_PDB_ins_code_1 
_ndb_struct_na_base_pair_step.i_auth_asym_id_2 
_ndb_struct_na_base_pair_step.i_auth_seq_id_2 
_ndb_struct_na_base_pair_step.i_PDB_ins_code_2 
_ndb_struct_na_base_pair_step.j_auth_asym_id_2 
_ndb_struct_na_base_pair_step.j_auth_seq_id_2 
_ndb_struct_na_base_pair_step.j_PDB_ins_code_2 
1 A DC 2 1_555 C DC 2 1_555 D DC 1 1_555 B DC 1 1_555 -1.780 3.108  -0.001 -156.226 -89.388 -169.791 -1.554 -0.890 -0.001 44.694  
-78.113 -179.999 1 AD_DC2DC1:DC1DC2_BC A 2 ? C 2 ? D 1 ? B 1 ? 
1 D DC 1 1_555 B DC 1 1_555 A DC 1 1_555 C DC 1 1_555 -1.810 -1.845 0.002  -128.452 125.998 97.901   -0.923 0.905  0.001  63.005  
64.232  179.955  2 DA_DC1DC1:DC1DC1_CB D 1 ? B 1 ? A 1 ? C 1 ? 
1 A DC 1 1_555 C DC 1 1_555 D DC 2 1_555 B DC 2 1_555 -1.776 3.107  0.002  -156.204 -89.333 107.067  1.554  0.887  0.001  -44.669 
78.107  179.967  3 AD_DC1DC2:DC2DC1_BC A 1 ? C 1 ? D 2 ? B 2 ? 
# 
_pdbx_nmr_spectrometer.spectrometer_id   1 
_pdbx_nmr_spectrometer.type              ? 
_pdbx_nmr_spectrometer.manufacturer      HOME-MADE 
_pdbx_nmr_spectrometer.model             HOME-MADE 
_pdbx_nmr_spectrometer.field_strength    360 
# 
_atom_sites.entry_id                    1M6A 
_atom_sites.fract_transf_matrix[1][1]   1.000000 
_atom_sites.fract_transf_matrix[1][2]   0.000000 
_atom_sites.fract_transf_matrix[1][3]   0.000000 
_atom_sites.fract_transf_matrix[2][1]   0.000000 
_atom_sites.fract_transf_matrix[2][2]   1.000000 
_atom_sites.fract_transf_matrix[2][3]   0.000000 
_atom_sites.fract_transf_matrix[3][1]   0.000000 
_atom_sites.fract_transf_matrix[3][2]   0.000000 
_atom_sites.fract_transf_matrix[3][3]   1.000000 
_atom_sites.fract_transf_vector[1]      0.00000 
_atom_sites.fract_transf_vector[2]      0.00000 
_atom_sites.fract_transf_vector[3]      0.00000 
# 
loop_
_atom_type.symbol 
C 
H 
N 
O 
P 
# 
loop_
_atom_site.group_PDB 
_atom_site.id 
_atom_site.type_symbol 
_atom_site.label_atom_id 
_atom_site.label_alt_id 
_atom_site.label_comp_id 
_atom_site.label_asym_id 
_atom_site.label_entity_id 
_atom_site.label_seq_id 
_atom_site.pdbx_PDB_ins_code 
_atom_site.Cartn_x 
_atom_site.Cartn_y 
_atom_site.Cartn_z 
_atom_site.occupancy 
_atom_site.B_iso_or_equiv 
_atom_site.pdbx_formal_charge 
_atom_site.auth_seq_id 
_atom_site.auth_comp_id 
_atom_site.auth_asym_id 
_atom_site.auth_atom_id 
_atom_site.pdbx_PDB_model_num 
ATOM 1   O "O5'"  . DC A 1 1 ? 5.058  5.063  -1.726 1.00 0.00 ? 1 DC A "O5'"  1 
ATOM 2   C "C5'"  . DC A 1 1 ? 6.380  4.663  -1.354 1.00 0.00 ? 1 DC A "C5'"  1 
ATOM 3   C "C4'"  . DC A 1 1 ? 6.466  3.160  -1.107 1.00 0.00 ? 1 DC A "C4'"  1 
ATOM 4   O "O4'"  . DC A 1 1 ? 5.616  2.774  -0.007 1.00 0.00 ? 1 DC A "O4'"  1 
ATOM 5   C "C3'"  . DC A 1 1 ? 6.034  2.380  -2.340 1.00 0.00 ? 1 DC A "C3'"  1 
ATOM 6   O "O3'"  . DC A 1 1 ? 7.153  1.712  -2.936 1.00 0.00 ? 1 DC A "O3'"  1 
ATOM 7   C "C2'"  . DC A 1 1 ? 5.000  1.386  -1.861 1.00 0.00 ? 1 DC A "C2'"  1 
ATOM 8   C "C1'"  . DC A 1 1 ? 4.718  1.714  -0.405 1.00 0.00 ? 1 DC A "C1'"  1 
ATOM 9   N N1     . DC A 1 1 ? 3.311  2.132  -0.228 1.00 0.00 ? 1 DC A N1     1 
ATOM 10  C C2     . DC A 1 1 ? 2.432  1.238  0.369  1.00 0.00 ? 1 DC A C2     1 
ATOM 11  O O2     . DC A 1 1 ? 2.825  0.134  0.741  1.00 0.00 ? 1 DC A O2     1 
ATOM 12  N N3     . DC A 1 1 ? 1.136  1.621  0.533  1.00 0.00 ? 1 DC A N3     1 
ATOM 13  C C4     . DC A 1 1 ? 0.717  2.829  0.129  1.00 0.00 ? 1 DC A C4     1 
ATOM 14  N N4     . DC A 1 1 ? -0.562 3.169  0.299  1.00 0.00 ? 1 DC A N4     1 
ATOM 15  C C5     . DC A 1 1 ? 1.619  3.751  -0.486 1.00 0.00 ? 1 DC A C5     1 
ATOM 16  C C6     . DC A 1 1 ? 2.899  3.363  -0.643 1.00 0.00 ? 1 DC A C6     1 
ATOM 17  H "H5'"  . DC A 1 1 ? 6.667  5.189  -0.442 1.00 0.00 ? 1 DC A "H5'"  1 
ATOM 18  H "H5''" . DC A 1 1 ? 7.072  4.933  -2.152 1.00 0.00 ? 1 DC A "H5''" 1 
ATOM 19  H "H4'"  . DC A 1 1 ? 7.496  2.898  -0.864 1.00 0.00 ? 1 DC A "H4'"  1 
ATOM 20  H "H3'"  . DC A 1 1 ? 5.581  3.068  -3.059 1.00 0.00 ? 1 DC A "H3'"  1 
ATOM 21  H "H2'"  . DC A 1 1 ? 4.083  1.476  -2.448 1.00 0.00 ? 1 DC A "H2'"  1 
ATOM 22  H "H2''" . DC A 1 1 ? 5.394  0.373  -1.944 1.00 0.00 ? 1 DC A "H2''" 1 
ATOM 23  H "H1'"  . DC A 1 1 ? 4.915  0.833  0.212  1.00 0.00 ? 1 DC A "H1'"  1 
ATOM 24  H H41    . DC A 1 1 ? -1.202 2.522  0.737  1.00 0.00 ? 1 DC A H41    1 
ATOM 25  H H42    . DC A 1 1 ? -0.889 4.073  -0.007 1.00 0.00 ? 1 DC A H42    1 
ATOM 26  H H5     . DC A 1 1 ? 1.282  4.735  -0.813 1.00 0.00 ? 1 DC A H5     1 
ATOM 27  H H6     . DC A 1 1 ? 3.618  4.038  -1.109 1.00 0.00 ? 1 DC A H6     1 
ATOM 28  H "HO5'" . DC A 1 1 ? 4.684  5.538  -0.981 1.00 0.00 ? 1 DC A "HO5'" 1 
ATOM 29  P P      . DC A 1 2 ? 7.041  1.065  -4.407 1.00 0.00 ? 2 DC A P      1 
ATOM 30  O OP1    . DC A 1 2 ? 8.369  1.012  -4.996 1.00 0.00 ? 2 DC A OP1    1 
ATOM 31  O OP2    . DC A 1 2 ? 5.998  1.758  -5.148 1.00 0.00 ? 2 DC A OP2    1 
ATOM 32  O "O5'"  . DC A 1 2 ? 6.549  -0.439 -4.103 1.00 0.00 ? 2 DC A "O5'"  1 
ATOM 33  C "C5'"  . DC A 1 2 ? 5.959  -1.232 -5.135 1.00 0.00 ? 2 DC A "C5'"  1 
ATOM 34  C "C4'"  . DC A 1 2 ? 5.429  -2.559 -4.594 1.00 0.00 ? 2 DC A "C4'"  1 
ATOM 35  O "O4'"  . DC A 1 2 ? 4.204  -2.358 -3.862 1.00 0.00 ? 2 DC A "O4'"  1 
ATOM 36  C "C3'"  . DC A 1 2 ? 5.148  -3.528 -5.730 1.00 0.00 ? 2 DC A "C3'"  1 
ATOM 37  O "O3'"  . DC A 1 2 ? 6.037  -4.647 -5.678 1.00 0.00 ? 2 DC A "O3'"  1 
ATOM 38  C "C2'"  . DC A 1 2 ? 3.718  -3.968 -5.567 1.00 0.00 ? 2 DC A "C2'"  1 
ATOM 39  C "C1'"  . DC A 1 2 ? 3.142  -3.167 -4.414 1.00 0.00 ? 2 DC A "C1'"  1 
ATOM 40  N N1     . DC A 1 2 ? 2.030  -2.311 -4.861 1.00 0.00 ? 2 DC A N1     1 
ATOM 41  C C2     . DC A 1 2 ? 0.777  -2.531 -4.308 1.00 0.00 ? 2 DC A C2     1 
ATOM 42  O O2     . DC A 1 2 ? 0.596  -3.464 -3.526 1.00 0.00 ? 2 DC A O2     1 
ATOM 43  N N3     . DC A 1 2 ? -0.236 -1.704 -4.672 1.00 0.00 ? 2 DC A N3     1 
ATOM 44  C C4     . DC A 1 2 ? -0.040 -0.709 -5.542 1.00 0.00 ? 2 DC A C4     1 
ATOM 45  N N4     . DC A 1 2 ? -1.062 0.085  -5.859 1.00 0.00 ? 2 DC A N4     1 
ATOM 46  C C5     . DC A 1 2 ? 1.248  -0.484 -6.122 1.00 0.00 ? 2 DC A C5     1 
ATOM 47  C C6     . DC A 1 2 ? 2.248  -1.309 -5.753 1.00 0.00 ? 2 DC A C6     1 
ATOM 48  H "H5'"  . DC A 1 2 ? 6.710  -1.434 -5.900 1.00 0.00 ? 2 DC A "H5'"  1 
ATOM 49  H "H5''" . DC A 1 2 ? 5.137  -0.675 -5.583 1.00 0.00 ? 2 DC A "H5''" 1 
ATOM 50  H "H4'"  . DC A 1 2 ? 6.173  -2.994 -3.928 1.00 0.00 ? 2 DC A "H4'"  1 
ATOM 51  H "H3'"  . DC A 1 2 ? 5.257  -3.008 -6.679 1.00 0.00 ? 2 DC A "H3'"  1 
ATOM 52  H "HO3'" . DC A 1 2 ? 6.036  -4.969 -4.774 1.00 0.00 ? 2 DC A "HO3'" 1 
ATOM 53  H "H2'"  . DC A 1 2 ? 3.159  -3.766 -6.481 1.00 0.00 ? 2 DC A "H2'"  1 
ATOM 54  H "H2''" . DC A 1 2 ? 3.681  -5.032 -5.336 1.00 0.00 ? 2 DC A "H2''" 1 
ATOM 55  H "H1'"  . DC A 1 2 ? 2.779  -3.849 -3.651 1.00 0.00 ? 2 DC A "H1'"  1 
ATOM 56  H H41    . DC A 1 2 ? -1.968 -0.068 -5.435 1.00 0.00 ? 2 DC A H41    1 
ATOM 57  H H42    . DC A 1 2 ? -0.929 0.845  -6.511 1.00 0.00 ? 2 DC A H42    1 
ATOM 58  H H5     . DC A 1 2 ? 1.414  0.321  -6.837 1.00 0.00 ? 2 DC A H5     1 
ATOM 59  H H6     . DC A 1 2 ? 3.244  -1.180 -6.174 1.00 0.00 ? 2 DC A H6     1 
ATOM 60  O "O5'"  . DC B 1 1 ? -4.507 4.506  -3.686 1.00 0.00 ? 1 DC B "O5'"  1 
ATOM 61  C "C5'"  . DC B 1 1 ? -5.875 4.097  -3.602 1.00 0.00 ? 1 DC B "C5'"  1 
ATOM 62  C "C4'"  . DC B 1 1 ? -6.104 3.125  -2.449 1.00 0.00 ? 1 DC B "C4'"  1 
ATOM 63  O "O4'"  . DC B 1 1 ? -5.345 1.914  -2.645 1.00 0.00 ? 1 DC B "O4'"  1 
ATOM 64  C "C3'"  . DC B 1 1 ? -5.681 3.743  -1.125 1.00 0.00 ? 1 DC B "C3'"  1 
ATOM 65  O "O3'"  . DC B 1 1 ? -6.823 4.009  -0.301 1.00 0.00 ? 1 DC B "O3'"  1 
ATOM 66  C "C2'"  . DC B 1 1 ? -4.761 2.735  -0.470 1.00 0.00 ? 1 DC B "C2'"  1 
ATOM 67  C "C1'"  . DC B 1 1 ? -4.525 1.633  -1.488 1.00 0.00 ? 1 DC B "C1'"  1 
ATOM 68  N N1     . DC B 1 1 ? -3.097 1.573  -1.870 1.00 0.00 ? 1 DC B N1     1 
ATOM 69  C C2     . DC B 1 1 ? -2.331 0.528  -1.370 1.00 0.00 ? 1 DC B C2     1 
ATOM 70  O O2     . DC B 1 1 ? -2.836 -0.320 -0.638 1.00 0.00 ? 1 DC B O2     1 
ATOM 71  N N3     . DC B 1 1 ? -1.015 0.471  -1.718 1.00 0.00 ? 1 DC B N3     1 
ATOM 72  C C4     . DC B 1 1 ? -0.473 1.398  -2.521 1.00 0.00 ? 1 DC B C4     1 
ATOM 73  N N4     . DC B 1 1 ? 0.820  1.315  -2.835 1.00 0.00 ? 1 DC B N4     1 
ATOM 74  C C5     . DC B 1 1 ? -1.259 2.474  -3.036 1.00 0.00 ? 1 DC B C5     1 
ATOM 75  C C6     . DC B 1 1 ? -2.560 2.523  -2.687 1.00 0.00 ? 1 DC B C6     1 
ATOM 76  H "H5'"  . DC B 1 1 ? -6.159 3.612  -4.537 1.00 0.00 ? 1 DC B "H5'"  1 
ATOM 77  H "H5''" . DC B 1 1 ? -6.500 4.978  -3.455 1.00 0.00 ? 1 DC B "H5''" 1 
ATOM 78  H "H4'"  . DC B 1 1 ? -7.163 2.874  -2.402 1.00 0.00 ? 1 DC B "H4'"  1 
ATOM 79  H "H3'"  . DC B 1 1 ? -5.133 4.670  -1.318 1.00 0.00 ? 1 DC B "H3'"  1 
ATOM 80  H "H2'"  . DC B 1 1 ? -3.813 3.204  -0.200 1.00 0.00 ? 1 DC B "H2'"  1 
ATOM 81  H "H2''" . DC B 1 1 ? -5.237 2.322  0.419  1.00 0.00 ? 1 DC B "H2''" 1 
ATOM 82  H "H1'"  . DC B 1 1 ? -4.828 0.673  -1.065 1.00 0.00 ? 1 DC B "H1'"  1 
ATOM 83  H H41    . DC B 1 1 ? 1.379  0.555  -2.478 1.00 0.00 ? 1 DC B H41    1 
ATOM 84  H H42    . DC B 1 1 ? 1.240  2.012  -3.435 1.00 0.00 ? 1 DC B H42    1 
ATOM 85  H H5     . DC B 1 1 ? -0.823 3.228  -3.691 1.00 0.00 ? 1 DC B H5     1 
ATOM 86  H H6     . DC B 1 1 ? -3.192 3.329  -3.058 1.00 0.00 ? 1 DC B H6     1 
ATOM 87  H "HO5'" . DC B 1 1 ? -4.130 4.084  -4.461 1.00 0.00 ? 1 DC B "HO5'" 1 
ATOM 88  P P      . DC B 1 2 ? -6.695 4.925  1.018  1.00 0.00 ? 2 DC B P      1 
ATOM 89  O OP1    . DC B 1 2 ? -7.991 5.518  1.303  1.00 0.00 ? 2 DC B OP1    1 
ATOM 90  O OP2    . DC B 1 2 ? -5.560 5.823  0.859  1.00 0.00 ? 2 DC B OP2    1 
ATOM 91  O "O5'"  . DC B 1 2 ? -6.352 3.854  2.171  1.00 0.00 ? 2 DC B "O5'"  1 
ATOM 92  C "C5'"  . DC B 1 2 ? -5.784 4.279  3.411  1.00 0.00 ? 2 DC B "C5'"  1 
ATOM 93  C "C4'"  . DC B 1 2 ? -5.398 3.093  4.292  1.00 0.00 ? 2 DC B "C4'"  1 
ATOM 94  O "O4'"  . DC B 1 2 ? -4.198 2.462  3.803  1.00 0.00 ? 2 DC B "O4'"  1 
ATOM 95  C "C3'"  . DC B 1 2 ? -5.147 3.544  5.722  1.00 0.00 ? 2 DC B "C3'"  1 
ATOM 96  O "O3'"  . DC B 1 2 ? -6.132 3.005  6.608  1.00 0.00 ? 2 DC B "O3'"  1 
ATOM 97  C "C2'"  . DC B 1 2 ? -3.770 3.055  6.083  1.00 0.00 ? 2 DC B "C2'"  1 
ATOM 98  C "C1'"  . DC B 1 2 ? -3.184 2.428  4.832  1.00 0.00 ? 2 DC B "C1'"  1 
ATOM 99  N N1     . DC B 1 2 ? -1.981 3.151  4.386  1.00 0.00 ? 2 DC B N1     1 
ATOM 100 C C2     . DC B 1 2 ? -0.782 2.456  4.349  1.00 0.00 ? 2 DC B C2     1 
ATOM 101 O O2     . DC B 1 2 ? -0.721 1.295  4.753  1.00 0.00 ? 2 DC B O2     1 
ATOM 102 N N3     . DC B 1 2 ? 0.318  3.102  3.881  1.00 0.00 ? 2 DC B N3     1 
ATOM 103 C C4     . DC B 1 2 ? 0.251  4.371  3.470  1.00 0.00 ? 2 DC B C4     1 
ATOM 104 N N4     . DC B 1 2 ? 1.353  4.960  3.005  1.00 0.00 ? 2 DC B N4     1 
ATOM 105 C C5     . DC B 1 2 ? -0.981 5.094  3.514  1.00 0.00 ? 2 DC B C5     1 
ATOM 106 C C6     . DC B 1 2 ? -2.067 4.445  3.978  1.00 0.00 ? 2 DC B C6     1 
ATOM 107 H "H5'"  . DC B 1 2 ? -6.510 4.896  3.941  1.00 0.00 ? 2 DC B "H5'"  1 
ATOM 108 H "H5''" . DC B 1 2 ? -4.893 4.875  3.207  1.00 0.00 ? 2 DC B "H5''" 1 
ATOM 109 H "H4'"  . DC B 1 2 ? -6.209 2.366  4.285  1.00 0.00 ? 2 DC B "H4'"  1 
ATOM 110 H "H3'"  . DC B 1 2 ? -5.162 4.630  5.761  1.00 0.00 ? 2 DC B "H3'"  1 
ATOM 111 H "HO3'" . DC B 1 2 ? -6.202 2.067  6.416  1.00 0.00 ? 2 DC B "HO3'" 1 
ATOM 112 H "H2'"  . DC B 1 2 ? -3.151 3.891  6.410  1.00 0.00 ? 2 DC B "H2'"  1 
ATOM 113 H "H2''" . DC B 1 2 ? -3.837 2.310  6.877  1.00 0.00 ? 2 DC B "H2''" 1 
ATOM 114 H "H1'"  . DC B 1 2 ? -2.921 1.396  5.040  1.00 0.00 ? 2 DC B "H1'"  1 
ATOM 115 H H41    . DC B 1 2 ? 2.220  4.440  2.961  1.00 0.00 ? 2 DC B H41    1 
ATOM 116 H H42    . DC B 1 2 ? 1.320  5.917  2.685  1.00 0.00 ? 2 DC B H42    1 
ATOM 117 H H5     . DC B 1 2 ? -1.041 6.132  3.185  1.00 0.00 ? 2 DC B H5     1 
ATOM 118 H H6     . DC B 1 2 ? -3.025 4.958  4.037  1.00 0.00 ? 2 DC B H6     1 
ATOM 119 O "O5'"  . DC C 1 1 ? -3.865 -2.994 5.503  1.00 0.00 ? 1 DC C "O5'"  1 
ATOM 120 C "C5'"  . DC C 1 1 ? -4.928 -2.147 5.946  1.00 0.00 ? 1 DC C "C5'"  1 
ATOM 121 C "C4'"  . DC C 1 1 ? -5.261 -1.074 4.914  1.00 0.00 ? 1 DC C "C4'"  1 
ATOM 122 O "O4'"  . DC C 1 1 ? -4.132 -0.204 4.700  1.00 0.00 ? 1 DC C "O4'"  1 
ATOM 123 C "C3'"  . DC C 1 1 ? -5.639 -1.701 3.580  1.00 0.00 ? 1 DC C "C3'"  1 
ATOM 124 O "O3'"  . DC C 1 1 ? -7.034 -1.515 3.310  1.00 0.00 ? 1 DC C "O3'"  1 
ATOM 125 C "C2'"  . DC C 1 1 ? -4.785 -1.011 2.540  1.00 0.00 ? 1 DC C "C2'"  1 
ATOM 126 C "C1'"  . DC C 1 1 ? -3.805 -0.129 3.294  1.00 0.00 ? 1 DC C "C1'"  1 
ATOM 127 N N1     . DC C 1 1 ? -2.416 -0.578 3.062  1.00 0.00 ? 1 DC C N1     1 
ATOM 128 C C2     . DC C 1 1 ? -1.613 0.184  2.224  1.00 0.00 ? 1 DC C C2     1 
ATOM 129 O O2     . DC C 1 1 ? -2.054 1.203  1.697  1.00 0.00 ? 1 DC C O2     1 
ATOM 130 N N3     . DC C 1 1 ? -0.333 -0.228 2.010  1.00 0.00 ? 1 DC C N3     1 
ATOM 131 C C4     . DC C 1 1 ? 0.143  -1.338 2.590  1.00 0.00 ? 1 DC C C4     1 
ATOM 132 N N4     . DC C 1 1 ? 1.400  -1.715 2.353  1.00 0.00 ? 1 DC C N4     1 
ATOM 133 C C5     . DC C 1 1 ? -0.683 -2.125 3.455  1.00 0.00 ? 1 DC C C5     1 
ATOM 134 C C6     . DC C 1 1 ? -1.948 -1.711 3.660  1.00 0.00 ? 1 DC C C6     1 
ATOM 135 H "H5'"  . DC C 1 1 ? -4.632 -1.665 6.877  1.00 0.00 ? 1 DC C "H5'"  1 
ATOM 136 H "H5''" . DC C 1 1 ? -5.814 -2.755 6.127  1.00 0.00 ? 1 DC C "H5''" 1 
ATOM 137 H "H4'"  . DC C 1 1 ? -6.100 -0.481 5.278  1.00 0.00 ? 1 DC C "H4'"  1 
ATOM 138 H "H3'"  . DC C 1 1 ? -5.399 -2.768 3.605  1.00 0.00 ? 1 DC C "H3'"  1 
ATOM 139 H "H2'"  . DC C 1 1 ? -4.242 -1.746 1.943  1.00 0.00 ? 1 DC C "H2'"  1 
ATOM 140 H "H2''" . DC C 1 1 ? -5.412 -0.399 1.893  1.00 0.00 ? 1 DC C "H2''" 1 
ATOM 141 H "H1'"  . DC C 1 1 ? -3.912 0.905  2.959  1.00 0.00 ? 1 DC C "H1'"  1 
ATOM 142 H H41    . DC C 1 1 ? 1.987  -1.160 1.746  1.00 0.00 ? 1 DC C H41    1 
ATOM 143 H H42    . DC C 1 1 ? 1.765  -2.554 2.781  1.00 0.00 ? 1 DC C H42    1 
ATOM 144 H H5     . DC C 1 1 ? -0.298 -3.027 3.932  1.00 0.00 ? 1 DC C H5     1 
ATOM 145 H H6     . DC C 1 1 ? -2.611 -2.286 4.307  1.00 0.00 ? 1 DC C H6     1 
ATOM 146 H "HO5'" . DC C 1 1 ? -3.090 -2.778 6.027  1.00 0.00 ? 1 DC C "HO5'" 1 
ATOM 147 P P      . DC C 1 2 ? -7.761 -2.321 2.120  1.00 0.00 ? 2 DC C P      1 
ATOM 148 O OP1    . DC C 1 2 ? -9.179 -2.424 2.425  1.00 0.00 ? 2 DC C OP1    1 
ATOM 149 O OP2    . DC C 1 2 ? -7.030 -3.554 1.871  1.00 0.00 ? 2 DC C OP2    1 
ATOM 150 O "O5'"  . DC C 1 2 ? -7.574 -1.343 0.853  1.00 0.00 ? 2 DC C "O5'"  1 
ATOM 151 C "C5'"  . DC C 1 2 ? -7.732 -1.842 -0.477 1.00 0.00 ? 2 DC C "C5'"  1 
ATOM 152 C "C4'"  . DC C 1 2 ? -7.361 -0.792 -1.522 1.00 0.00 ? 2 DC C "C4'"  1 
ATOM 153 O "O4'"  . DC C 1 2 ? -5.931 -0.636 -1.605 1.00 0.00 ? 2 DC C "O4'"  1 
ATOM 154 C "C3'"  . DC C 1 2 ? -7.874 -1.196 -2.895 1.00 0.00 ? 2 DC C "C3'"  1 
ATOM 155 O "O3'"  . DC C 1 2 ? -8.891 -0.297 -3.347 1.00 0.00 ? 2 DC C "O3'"  1 
ATOM 156 C "C2'"  . DC C 1 2 ? -6.682 -1.170 -3.815 1.00 0.00 ? 2 DC C "C2'"  1 
ATOM 157 C "C1'"  . DC C 1 2 ? -5.470 -0.867 -2.955 1.00 0.00 ? 2 DC C "C1'"  1 
ATOM 158 N N1     . DC C 1 2 ? -4.506 -1.981 -2.979 1.00 0.00 ? 2 DC C N1     1 
ATOM 159 C C2     . DC C 1 2 ? -3.237 -1.732 -3.479 1.00 0.00 ? 2 DC C C2     1 
ATOM 160 O O2     . DC C 1 2 ? -2.960 -0.630 -3.957 1.00 0.00 ? 2 DC C O2     1 
ATOM 161 N N3     . DC C 1 2 ? -2.327 -2.739 -3.446 1.00 0.00 ? 2 DC C N3     1 
ATOM 162 C C4     . DC C 1 2 ? -2.642 -3.940 -2.952 1.00 0.00 ? 2 DC C C4     1 
ATOM 163 N N4     . DC C 1 2 ? -1.713 -4.895 -2.928 1.00 0.00 ? 2 DC C N4     1 
ATOM 164 C C5     . DC C 1 2 ? -3.953 -4.204 -2.444 1.00 0.00 ? 2 DC C C5     1 
ATOM 165 C C6     . DC C 1 2 ? -4.847 -3.198 -2.478 1.00 0.00 ? 2 DC C C6     1 
ATOM 166 H "H5'"  . DC C 1 2 ? -8.770 -2.141 -0.624 1.00 0.00 ? 2 DC C "H5'"  1 
ATOM 167 H "H5''" . DC C 1 2 ? -7.091 -2.714 -0.607 1.00 0.00 ? 2 DC C "H5''" 1 
ATOM 168 H "H4'"  . DC C 1 2 ? -7.807 0.163  -1.242 1.00 0.00 ? 2 DC C "H4'"  1 
ATOM 169 H "H3'"  . DC C 1 2 ? -8.265 -2.209 -2.846 1.00 0.00 ? 2 DC C "H3'"  1 
ATOM 170 H "HO3'" . DC C 1 2 ? -8.561 0.594  -3.213 1.00 0.00 ? 2 DC C "HO3'" 1 
ATOM 171 H "H2'"  . DC C 1 2 ? -6.565 -2.139 -4.302 1.00 0.00 ? 2 DC C "H2'"  1 
ATOM 172 H "H2''" . DC C 1 2 ? -6.810 -0.390 -4.566 1.00 0.00 ? 2 DC C "H2''" 1 
ATOM 173 H "H1'"  . DC C 1 2 ? -4.984 0.030  -3.325 1.00 0.00 ? 2 DC C "H1'"  1 
ATOM 174 H H41    . DC C 1 2 ? -0.782 -4.699 -3.276 1.00 0.00 ? 2 DC C H41    1 
ATOM 175 H H42    . DC C 1 2 ? -1.932 -5.806 -2.554 1.00 0.00 ? 2 DC C H42    1 
ATOM 176 H H5     . DC C 1 2 ? -4.218 -5.183 -2.045 1.00 0.00 ? 2 DC C H5     1 
ATOM 177 H H6     . DC C 1 2 ? -5.858 -3.355 -2.109 1.00 0.00 ? 2 DC C H6     1 
ATOM 178 O "O5'"  . DC D 1 1 ? 3.310  -6.574 -0.090 1.00 0.00 ? 1 DC D "O5'"  1 
ATOM 179 C "C5'"  . DC D 1 1 ? 4.420  -6.615 -0.992 1.00 0.00 ? 1 DC D "C5'"  1 
ATOM 180 C "C4'"  . DC D 1 1 ? 4.898  -5.213 -1.361 1.00 0.00 ? 1 DC D "C4'"  1 
ATOM 181 O "O4'"  . DC D 1 1 ? 3.861  -4.485 -2.049 1.00 0.00 ? 1 DC D "O4'"  1 
ATOM 182 C "C3'"  . DC D 1 1 ? 5.286  -4.428 -0.117 1.00 0.00 ? 1 DC D "C3'"  1 
ATOM 183 O "O3'"  . DC D 1 1 ? 6.703  -4.221 -0.072 1.00 0.00 ? 1 DC D "O3'"  1 
ATOM 184 C "C2'"  . DC D 1 1 ? 4.546  -3.108 -0.210 1.00 0.00 ? 1 DC D "C2'"  1 
ATOM 185 C "C1'"  . DC D 1 1 ? 3.611  -3.217 -1.403 1.00 0.00 ? 1 DC D "C1'"  1 
ATOM 186 N N1     . DC D 1 1 ? 2.201  -3.126 -0.968 1.00 0.00 ? 1 DC D N1     1 
ATOM 187 C C2     . DC D 1 1 ? 1.510  -1.948 -1.225 1.00 0.00 ? 1 DC D C2     1 
ATOM 188 O O2     . DC D 1 1 ? 2.065  -1.015 -1.802 1.00 0.00 ? 1 DC D O2     1 
ATOM 189 N N3     . DC D 1 1 ? 0.212  -1.862 -0.824 1.00 0.00 ? 1 DC D N3     1 
ATOM 190 C C4     . DC D 1 1 ? -0.387 -2.886 -0.199 1.00 0.00 ? 1 DC D C4     1 
ATOM 191 N N4     . DC D 1 1 ? -1.659 -2.765 0.184  1.00 0.00 ? 1 DC D N4     1 
ATOM 192 C C5     . DC D 1 1 ? 0.320  -4.099 0.067  1.00 0.00 ? 1 DC D C5     1 
ATOM 193 C C6     . DC D 1 1 ? 1.605  -4.174 -0.333 1.00 0.00 ? 1 DC D C6     1 
ATOM 194 H "H5'"  . DC D 1 1 ? 4.121  -7.138 -1.901 1.00 0.00 ? 1 DC D "H5'"  1 
ATOM 195 H "H5''" . DC D 1 1 ? 5.240  -7.158 -0.523 1.00 0.00 ? 1 DC D "H5''" 1 
ATOM 196 H "H4'"  . DC D 1 1 ? 5.765  -5.294 -2.014 1.00 0.00 ? 1 DC D "H4'"  1 
ATOM 197 H "H3'"  . DC D 1 1 ? 4.960  -4.978 0.772  1.00 0.00 ? 1 DC D "H3'"  1 
ATOM 198 H "H2'"  . DC D 1 1 ? 3.970  -2.920 0.700  1.00 0.00 ? 1 DC D "H2'"  1 
ATOM 199 H "H2''" . DC D 1 1 ? 5.256  -2.297 -0.370 1.00 0.00 ? 1 DC D "H2''" 1 
ATOM 200 H "H1'"  . DC D 1 1 ? 3.824  -2.410 -2.109 1.00 0.00 ? 1 DC D "H1'"  1 
ATOM 201 H H41    . DC D 1 1 ? -2.164 -1.912 -0.005 1.00 0.00 ? 1 DC D H41    1 
ATOM 202 H H42    . DC D 1 1 ? -2.117 -3.528 0.661  1.00 0.00 ? 1 DC D H42    1 
ATOM 203 H H5     . DC D 1 1 ? -0.163 -4.934 0.573  1.00 0.00 ? 1 DC D H5     1 
ATOM 204 H H6     . DC D 1 1 ? 2.178  -5.083 -0.147 1.00 0.00 ? 1 DC D H6     1 
ATOM 205 H "HO5'" . DC D 1 1 ? 2.533  -6.843 -0.584 1.00 0.00 ? 1 DC D "HO5'" 1 
ATOM 206 P P      . DC D 1 2 ? 7.412  -3.669 1.264  1.00 0.00 ? 2 DC D P      1 
ATOM 207 O OP1    . DC D 1 2 ? 8.741  -4.121 1.317  1.00 0.00 ? 2 DC D OP1    1 
ATOM 208 O OP2    . DC D 1 2 ? 6.653  -4.028 2.390  1.00 0.00 ? 2 DC D OP2    1 
ATOM 209 O "O5'"  . DC D 1 2 ? 7.387  -2.070 1.079  1.00 0.00 ? 2 DC D "O5'"  1 
ATOM 210 C "C5'"  . DC D 1 2 ? 7.558  -1.206 2.203  1.00 0.00 ? 2 DC D "C5'"  1 
ATOM 211 C "C4'"  . DC D 1 2 ? 7.331  0.257  1.827  1.00 0.00 ? 2 DC D "C4'"  1 
ATOM 212 O "O4'"  . DC D 1 2 ? 5.925  0.531  1.665  1.00 0.00 ? 2 DC D "O4'"  1 
ATOM 213 C "C3'"  . DC D 1 2 ? 7.873  1.180  2.907  1.00 0.00 ? 2 DC D "C3'"  1 
ATOM 214 O "O3'"  . DC D 1 2 ? 8.984  1.938  2.421  1.00 0.00 ? 2 DC D "O3'"  1 
ATOM 215 C "C2'"  . DC D 1 2 ? 6.734  2.083  3.301  1.00 0.00 ? 2 DC D "C2'"  1 
ATOM 216 C "C1'"  . DC D 1 2 ? 5.512  1.606  2.538  1.00 0.00 ? 2 DC D "C1'"  1 
ATOM 217 N N1     . DC D 1 2 ? 4.458  1.141  3.455  1.00 0.00 ? 2 DC D N1     1 
ATOM 218 C C2     . DC D 1 2 ? 3.241  1.807  3.436  1.00 0.00 ? 2 DC D C2     1 
ATOM 219 O O2     . DC D 1 2 ? 3.085  2.802  2.728  1.00 0.00 ? 2 DC D O2     1 
ATOM 220 N N3     . DC D 1 2 ? 2.247  1.344  4.237  1.00 0.00 ? 2 DC D N3     1 
ATOM 221 C C4     . DC D 1 2 ? 2.432  0.279  5.024  1.00 0.00 ? 2 DC D C4     1 
ATOM 222 N N4     . DC D 1 2 ? 1.423  -0.149 5.782  1.00 0.00 ? 2 DC D N4     1 
ATOM 223 C C5     . DC D 1 2 ? 3.687  -0.405 5.051  1.00 0.00 ? 2 DC D C5     1 
ATOM 224 C C6     . DC D 1 2 ? 4.667  0.061  4.253  1.00 0.00 ? 2 DC D C6     1 
ATOM 225 H "H5'"  . DC D 1 2 ? 8.572  -1.321 2.589  1.00 0.00 ? 2 DC D "H5'"  1 
ATOM 226 H "H5''" . DC D 1 2 ? 6.849  -1.488 2.980  1.00 0.00 ? 2 DC D "H5''" 1 
ATOM 227 H "H4'"  . DC D 1 2 ? 7.844  0.467  0.889  1.00 0.00 ? 2 DC D "H4'"  1 
ATOM 228 H "H3'"  . DC D 1 2 ? 8.172  0.586  3.766  1.00 0.00 ? 2 DC D "H3'"  1 
ATOM 229 H "HO3'" . DC D 1 2 ? 8.726  2.305  1.571  1.00 0.00 ? 2 DC D "HO3'" 1 
ATOM 230 H "H2'"  . DC D 1 2 ? 6.558  2.013  4.375  1.00 0.00 ? 2 DC D "H2'"  1 
ATOM 231 H "H2''" . DC D 1 2 ? 6.966  3.113  3.028  1.00 0.00 ? 2 DC D "H2''" 1 
ATOM 232 H "H1'"  . DC D 1 2 ? 5.124  2.424  1.937  1.00 0.00 ? 2 DC D "H1'"  1 
ATOM 233 H H41    . DC D 1 2 ? 0.532  0.329  5.748  1.00 0.00 ? 2 DC D H41    1 
ATOM 234 H H42    . DC D 1 2 ? 1.543  -0.955 6.378  1.00 0.00 ? 2 DC D H42    1 
ATOM 235 H H5     . DC D 1 2 ? 3.846  -1.270 5.695  1.00 0.00 ? 2 DC D H5     1 
ATOM 236 H H6     . DC D 1 2 ? 5.642  -0.423 4.247  1.00 0.00 ? 2 DC D H6     1 
# 
